data_5MBW
#
_entry.id   5MBW
#
_cell.length_a   206.833
_cell.length_b   206.833
_cell.length_c   206.833
_cell.angle_alpha   90.00
_cell.angle_beta   90.00
_cell.angle_gamma   90.00
#
_symmetry.space_group_name_H-M   'F 2 3'
#
loop_
_entity.id
_entity.type
_entity.pdbx_description
1 polymer 'Beta-secretase 1'
2 polymer 'BACE1 INHIBITOR PEPTIDE Pep#3'
3 non-polymer 'CHLORIDE ION'
4 water water
#
loop_
_entity_poly.entity_id
_entity_poly.type
_entity_poly.pdbx_seq_one_letter_code
_entity_poly.pdbx_strand_id
1 'polypeptide(L)'
;ETDEEPEEPGRRGSFVEMVDNLRGKSGQGYYVEMTVGSPPQTLNILVDTGSSNFAVGAAPHPFLHRYYQRQLSSTYRDLR
KGVYVPYTQGKWEGELGTDLVSIPHGPNVTVRANIAAITESDKFFINGSNWEGILGLAYAEIARPDDSLEPFFDSLVKQT
HVPNLFSLQLCGAGFPLNQSEVLASVGGSMIIGGIDHSLYTGSLWYTPIRREWYYEVIIVRVEINGQDLKMDCKEYNYDK
SIVDSGTTNLRLPKKVFEAAVKSIKAASSTEKFPDGFWLGEQLVCWQAGTTPWNIFPVISLYLMGEVTNQSFRITILPQQ
YLRPVEDVATSQDDCYKFAISQSSTGTVMGAVIMEGFYVVFDRARKRIGFAVSACHVHDEFRTAAVEGPFVTLDMEDCGY
NIPQTDEST
;
A
2 'polypeptide(L)' EVN(STA)VAE(DPR)K(CLR) B
#
loop_
_chem_comp.id
_chem_comp.type
_chem_comp.name
_chem_comp.formula
CL non-polymer 'CHLORIDE ION' 'Cl -1'
CLR non-polymer CHOLESTEROL 'C27 H46 O'
STA peptide-like STATINE 'C8 H17 N O3'
#
# COMPACT_ATOMS: atom_id res chain seq x y z
N GLY A 13 9.57 12.98 -17.66
CA GLY A 13 9.49 12.89 -16.18
C GLY A 13 10.82 12.47 -15.57
N SER A 14 11.42 13.39 -14.81
CA SER A 14 12.74 13.18 -14.18
C SER A 14 12.98 13.90 -12.81
N PHE A 15 12.92 13.12 -11.73
CA PHE A 15 12.90 13.64 -10.35
C PHE A 15 13.94 12.94 -9.53
N VAL A 16 15.19 13.20 -9.85
CA VAL A 16 16.25 12.34 -9.37
C VAL A 16 16.38 12.36 -7.85
N GLU A 17 16.06 13.51 -7.25
CA GLU A 17 16.11 13.68 -5.79
C GLU A 17 15.22 12.73 -4.98
N MET A 18 14.13 12.27 -5.57
CA MET A 18 13.15 11.51 -4.83
C MET A 18 13.27 10.03 -5.12
N VAL A 19 14.05 9.66 -6.13
CA VAL A 19 14.26 8.24 -6.40
C VAL A 19 15.01 7.66 -5.22
N ASP A 20 14.53 6.52 -4.74
CA ASP A 20 15.16 5.74 -3.68
C ASP A 20 14.91 6.29 -2.31
N ASN A 21 13.94 7.19 -2.17
CA ASN A 21 13.69 7.88 -0.91
C ASN A 21 12.82 7.11 0.10
N LEU A 22 12.39 5.90 -0.25
CA LEU A 22 11.65 5.09 0.70
C LEU A 22 12.50 3.95 1.18
N ARG A 23 12.03 3.38 2.28
CA ARG A 23 12.68 2.31 2.95
C ARG A 23 11.54 1.54 3.56
N GLY A 24 11.79 0.27 3.82
CA GLY A 24 10.73 -0.59 4.34
C GLY A 24 10.60 -1.94 3.68
N LYS A 25 9.43 -2.55 3.83
CA LYS A 25 9.26 -3.95 3.58
C LYS A 25 7.75 -4.15 3.62
N SER A 26 7.24 -5.08 2.80
CA SER A 26 5.77 -5.23 2.63
C SER A 26 5.13 -5.58 3.98
N GLY A 27 5.88 -6.35 4.77
CA GLY A 27 5.49 -6.79 6.11
C GLY A 27 5.22 -5.68 7.11
N GLN A 28 6.08 -4.67 7.15
CA GLN A 28 5.93 -3.61 8.14
C GLN A 28 5.66 -2.23 7.54
N GLY A 29 5.33 -2.17 6.25
CA GLY A 29 5.15 -0.88 5.59
C GLY A 29 6.40 -0.14 5.08
N TYR A 30 6.14 0.83 4.21
CA TYR A 30 7.22 1.58 3.60
C TYR A 30 7.21 2.94 4.24
N TYR A 31 8.38 3.54 4.49
CA TYR A 31 8.36 4.86 5.08
C TYR A 31 9.27 5.85 4.37
N VAL A 32 8.89 7.13 4.43
CA VAL A 32 9.72 8.22 3.96
C VAL A 32 10.09 9.08 5.17
N GLU A 33 11.19 9.79 5.06
CA GLU A 33 11.63 10.65 6.13
C GLU A 33 11.09 12.07 5.92
N MET A 34 10.52 12.60 7.00
CA MET A 34 9.95 13.94 7.02
C MET A 34 10.52 14.73 8.17
N THR A 35 10.21 16.02 8.21
CA THR A 35 10.57 16.80 9.34
C THR A 35 9.44 17.72 9.70
N VAL A 36 9.48 18.19 10.94
CA VAL A 36 8.35 18.85 11.57
C VAL A 36 8.80 19.91 12.61
N GLY A 37 8.16 21.05 12.62
CA GLY A 37 8.41 22.02 13.67
C GLY A 37 9.61 22.87 13.40
N SER A 38 9.73 23.94 14.18
CA SER A 38 10.91 24.78 14.17
C SER A 38 11.47 24.78 15.57
N PRO A 39 12.77 24.44 15.70
CA PRO A 39 13.55 23.89 14.59
C PRO A 39 13.02 22.50 14.24
N PRO A 40 13.50 21.92 13.12
CA PRO A 40 12.77 20.79 12.61
C PRO A 40 13.26 19.51 13.17
N GLN A 41 12.32 18.64 13.56
CA GLN A 41 12.60 17.30 14.09
C GLN A 41 12.38 16.21 13.04
N THR A 42 13.35 15.36 12.78
CA THR A 42 13.21 14.30 11.78
C THR A 42 12.42 13.09 12.29
N LEU A 43 11.47 12.62 11.50
CA LEU A 43 10.76 11.39 11.80
C LEU A 43 10.61 10.54 10.54
N ASN A 44 10.64 9.21 10.72
CA ASN A 44 10.33 8.32 9.62
C ASN A 44 8.86 8.09 9.60
N ILE A 45 8.27 8.23 8.41
CA ILE A 45 6.82 8.17 8.30
C ILE A 45 6.31 7.13 7.32
N LEU A 46 5.35 6.34 7.78
CA LEU A 46 4.79 5.28 6.97
C LEU A 46 3.84 5.88 5.95
N VAL A 47 4.10 5.53 4.70
CA VAL A 47 3.31 5.97 3.57
C VAL A 47 2.04 5.10 3.48
N ASP A 48 0.86 5.70 3.54
CA ASP A 48 -0.37 4.92 3.65
C ASP A 48 -1.48 5.53 2.83
N THR A 49 -1.73 4.91 1.68
CA THR A 49 -2.78 5.39 0.78
C THR A 49 -4.14 4.97 1.28
N GLY A 50 -4.17 4.17 2.35
CA GLY A 50 -5.42 3.65 2.89
C GLY A 50 -6.01 4.43 4.05
N SER A 51 -5.57 5.67 4.23
CA SER A 51 -6.15 6.53 5.26
C SER A 51 -5.79 7.95 4.97
N SER A 52 -6.36 8.89 5.72
CA SER A 52 -6.13 10.30 5.40
C SER A 52 -5.69 11.18 6.54
N ASN A 53 -5.08 10.55 7.53
CA ASN A 53 -4.61 11.25 8.71
C ASN A 53 -3.08 11.29 8.82
N PHE A 54 -2.52 12.49 8.94
CA PHE A 54 -1.10 12.65 9.22
C PHE A 54 -0.87 12.62 10.74
N ALA A 55 -0.34 11.53 11.29
CA ALA A 55 -0.13 11.48 12.73
C ALA A 55 1.24 10.92 13.13
N VAL A 56 1.78 11.40 14.26
CA VAL A 56 3.16 11.09 14.74
C VAL A 56 3.18 10.79 16.23
N GLY A 57 4.06 9.90 16.69
CA GLY A 57 4.17 9.61 18.11
C GLY A 57 4.65 10.83 18.90
N ALA A 58 3.98 11.21 19.99
CA ALA A 58 4.32 12.49 20.62
C ALA A 58 4.63 12.30 22.07
N ALA A 59 5.03 11.08 22.38
CA ALA A 59 5.21 10.64 23.75
C ALA A 59 5.94 9.31 23.58
N PRO A 60 6.76 8.92 24.58
CA PRO A 60 7.61 7.74 24.60
C PRO A 60 6.86 6.44 24.44
N HIS A 61 7.53 5.42 23.95
CA HIS A 61 6.86 4.18 23.72
C HIS A 61 7.89 3.13 23.43
N PRO A 62 7.77 1.97 24.08
CA PRO A 62 8.63 0.82 23.88
C PRO A 62 9.30 0.78 22.53
N PHE A 63 8.52 0.84 21.46
CA PHE A 63 9.08 0.63 20.13
C PHE A 63 9.74 1.84 19.48
N LEU A 64 9.40 3.04 19.98
CA LEU A 64 9.79 4.29 19.34
C LEU A 64 11.15 4.76 19.78
N HIS A 65 12.05 5.00 18.81
CA HIS A 65 13.41 5.44 19.17
C HIS A 65 13.45 6.96 19.21
N ARG A 66 12.38 7.59 18.73
CA ARG A 66 12.26 9.03 18.78
C ARG A 66 10.81 9.42 18.57
N TYR A 67 10.45 10.66 18.89
CA TYR A 67 9.08 11.15 18.82
C TYR A 67 8.98 12.70 18.74
N TYR A 68 7.84 13.24 18.29
CA TYR A 68 7.60 14.69 18.12
C TYR A 68 7.44 15.37 19.45
N GLN A 69 8.22 16.42 19.64
CA GLN A 69 8.09 17.15 20.87
C GLN A 69 7.57 18.55 20.66
N ARG A 70 6.26 18.72 20.87
CA ARG A 70 5.63 19.95 20.44
C ARG A 70 6.22 21.10 21.22
N GLN A 71 6.57 20.78 22.47
CA GLN A 71 7.00 21.79 23.43
C GLN A 71 8.21 22.50 22.90
N LEU A 72 8.88 21.92 21.89
CA LEU A 72 10.06 22.53 21.27
C LEU A 72 9.89 23.07 19.87
N SER A 73 8.66 23.14 19.38
CA SER A 73 8.46 23.79 18.09
C SER A 73 7.87 25.14 18.32
N SER A 74 8.58 26.20 17.97
CA SER A 74 8.05 27.55 18.12
C SER A 74 6.91 27.82 17.19
N THR A 75 6.78 26.99 16.14
CA THR A 75 5.74 27.16 15.15
C THR A 75 4.62 26.18 15.32
N TYR A 76 4.66 25.36 16.36
CA TYR A 76 3.54 24.42 16.57
C TYR A 76 2.31 25.16 17.02
N ARG A 77 1.14 24.82 16.50
CA ARG A 77 -0.07 25.43 17.06
C ARG A 77 -1.11 24.40 17.46
N ASP A 78 -1.35 24.28 18.77
CA ASP A 78 -2.36 23.37 19.29
C ASP A 78 -3.74 23.75 18.80
N LEU A 79 -4.53 22.77 18.38
CA LEU A 79 -5.88 23.00 17.95
C LEU A 79 -6.95 22.65 19.00
N ARG A 80 -6.51 22.28 20.20
CA ARG A 80 -7.40 21.88 21.30
C ARG A 80 -8.59 21.01 20.88
N LYS A 81 -8.32 19.94 20.13
CA LYS A 81 -9.30 18.91 19.82
C LYS A 81 -8.62 17.57 19.86
N GLY A 82 -9.27 16.60 20.50
CA GLY A 82 -8.79 15.20 20.48
C GLY A 82 -9.16 14.53 19.18
N VAL A 83 -8.48 13.47 18.82
CA VAL A 83 -8.92 12.66 17.70
C VAL A 83 -8.71 11.21 18.03
N TYR A 84 -9.56 10.36 17.45
CA TYR A 84 -9.35 8.93 17.49
C TYR A 84 -9.46 8.21 16.12
N VAL A 85 -8.35 7.65 15.64
CA VAL A 85 -8.36 6.81 14.45
C VAL A 85 -8.24 5.30 14.73
N PRO A 86 -9.23 4.52 14.27
CA PRO A 86 -9.15 3.07 14.26
C PRO A 86 -8.90 2.53 12.88
N TYR A 87 -7.78 1.84 12.71
CA TYR A 87 -7.48 1.12 11.49
C TYR A 87 -7.96 -0.31 11.53
N THR A 88 -7.87 -1.00 10.38
CA THR A 88 -8.29 -2.40 10.24
C THR A 88 -7.69 -3.22 11.32
N GLN A 89 -6.38 -3.17 11.51
CA GLN A 89 -5.83 -3.58 12.81
C GLN A 89 -4.94 -2.47 13.36
N GLY A 90 -5.12 -2.19 14.64
CA GLY A 90 -4.39 -1.14 15.34
C GLY A 90 -5.19 0.13 15.40
N LYS A 91 -5.01 0.90 16.47
CA LYS A 91 -5.68 2.17 16.62
C LYS A 91 -4.87 3.10 17.53
N TRP A 92 -5.13 4.39 17.44
CA TRP A 92 -4.47 5.35 18.28
C TRP A 92 -5.39 6.54 18.63
N GLU A 93 -4.96 7.35 19.58
CA GLU A 93 -5.58 8.62 19.89
C GLU A 93 -4.55 9.69 20.25
N GLY A 94 -4.89 10.92 19.92
CA GLY A 94 -3.97 12.01 20.05
C GLY A 94 -4.67 13.34 20.18
N GLU A 95 -3.87 14.39 20.11
CA GLU A 95 -4.36 15.72 20.15
C GLU A 95 -4.03 16.29 18.79
N LEU A 96 -4.97 17.04 18.21
CA LEU A 96 -4.76 17.75 16.94
C LEU A 96 -4.04 19.09 17.12
N GLY A 97 -3.40 19.54 16.04
CA GLY A 97 -2.59 20.76 16.03
C GLY A 97 -2.03 21.00 14.64
N THR A 98 -1.28 22.08 14.40
CA THR A 98 -0.58 22.23 13.12
C THR A 98 0.91 22.51 13.30
N ASP A 99 1.72 22.24 12.30
CA ASP A 99 3.10 22.72 12.35
C ASP A 99 3.72 22.64 11.00
N LEU A 100 4.92 23.15 10.84
CA LEU A 100 5.55 23.16 9.53
C LEU A 100 6.30 21.86 9.21
N VAL A 101 6.01 21.36 8.01
CA VAL A 101 6.47 20.08 7.57
C VAL A 101 7.24 20.18 6.26
N SER A 102 8.23 19.30 6.11
CA SER A 102 9.12 19.23 4.96
C SER A 102 9.44 17.80 4.62
N ILE A 103 9.79 17.53 3.36
CA ILE A 103 10.37 16.24 3.06
C ILE A 103 11.77 16.36 2.51
N PRO A 104 12.78 15.92 3.28
CA PRO A 104 14.18 16.07 2.84
C PRO A 104 14.46 15.49 1.45
N HIS A 105 13.98 14.29 1.13
CA HIS A 105 14.17 13.79 -0.23
C HIS A 105 12.88 13.90 -1.04
N GLY A 106 12.30 15.09 -0.98
CA GLY A 106 11.13 15.43 -1.74
C GLY A 106 11.31 16.84 -2.26
N PRO A 107 10.24 17.50 -2.61
CA PRO A 107 10.43 18.84 -3.09
C PRO A 107 10.88 19.78 -1.98
N ASN A 108 11.74 20.74 -2.31
CA ASN A 108 12.16 21.75 -1.35
C ASN A 108 11.08 22.76 -1.05
N VAL A 109 10.03 22.30 -0.39
CA VAL A 109 9.00 23.19 0.11
C VAL A 109 8.56 22.89 1.53
N THR A 110 8.20 23.94 2.27
CA THR A 110 7.66 23.84 3.63
C THR A 110 6.16 24.16 3.63
N VAL A 111 5.40 23.49 4.48
CA VAL A 111 3.98 23.52 4.39
C VAL A 111 3.41 23.41 5.80
N ARG A 112 2.39 24.22 6.11
CA ARG A 112 1.72 24.08 7.40
C ARG A 112 0.68 23.01 7.24
N ALA A 113 0.71 22.01 8.09
CA ALA A 113 -0.16 20.88 7.95
C ALA A 113 -0.83 20.47 9.31
N ASN A 114 -1.99 19.82 9.24
CA ASN A 114 -2.62 19.29 10.44
C ASN A 114 -1.78 18.09 10.78
N ILE A 115 -1.49 17.90 12.07
CA ILE A 115 -0.67 16.80 12.57
C ILE A 115 -1.36 16.33 13.80
N ALA A 116 -1.42 15.01 14.01
CA ALA A 116 -1.99 14.50 15.23
C ALA A 116 -0.83 14.02 16.08
N ALA A 117 -0.77 14.52 17.30
CA ALA A 117 0.18 14.07 18.25
C ALA A 117 -0.40 12.80 18.87
N ILE A 118 0.21 11.66 18.60
CA ILE A 118 -0.33 10.39 19.08
C ILE A 118 0.12 10.19 20.51
N THR A 119 -0.84 10.01 21.40
CA THR A 119 -0.53 9.94 22.82
C THR A 119 -0.83 8.57 23.41
N GLU A 120 -1.73 7.80 22.78
CA GLU A 120 -2.01 6.40 23.16
C GLU A 120 -2.13 5.54 21.93
N SER A 121 -1.50 4.39 21.92
CA SER A 121 -1.53 3.58 20.75
C SER A 121 -2.02 2.26 21.22
N ASP A 122 -2.61 1.47 20.34
CA ASP A 122 -2.77 0.05 20.61
C ASP A 122 -2.63 -0.82 19.38
N LYS A 123 -1.65 -1.73 19.43
CA LYS A 123 -1.27 -2.60 18.31
C LYS A 123 -1.02 -1.79 17.07
N PHE A 124 -0.43 -0.60 17.22
CA PHE A 124 -0.21 0.27 16.08
C PHE A 124 1.24 0.26 15.63
N PHE A 125 2.14 0.76 16.48
CA PHE A 125 3.59 0.72 16.16
C PHE A 125 4.11 -0.69 16.20
N ILE A 126 5.02 -0.99 15.28
CA ILE A 126 5.57 -2.33 15.19
C ILE A 126 6.97 -2.38 15.76
N ASN A 127 7.31 -3.48 16.44
CA ASN A 127 8.65 -3.63 16.99
C ASN A 127 9.77 -3.68 15.93
N GLY A 128 10.67 -2.68 16.01
CA GLY A 128 11.74 -2.47 15.02
C GLY A 128 11.24 -2.28 13.60
N SER A 129 10.15 -1.55 13.45
CA SER A 129 9.59 -1.26 12.14
C SER A 129 10.30 -0.03 11.61
N ASN A 130 11.04 0.63 12.51
CA ASN A 130 11.75 1.84 12.15
C ASN A 130 10.96 3.15 11.84
N TRP A 131 9.64 3.10 11.68
CA TRP A 131 8.86 4.32 11.49
C TRP A 131 8.17 4.78 12.74
N GLU A 132 7.90 6.07 12.88
CA GLU A 132 7.37 6.65 14.11
C GLU A 132 6.06 7.40 13.89
N GLY A 133 5.55 7.37 12.65
CA GLY A 133 4.39 8.17 12.28
C GLY A 133 3.75 7.60 11.03
N ILE A 134 2.61 8.14 10.65
CA ILE A 134 1.87 7.68 9.47
C ILE A 134 1.41 8.88 8.67
N LEU A 135 1.49 8.75 7.34
CA LEU A 135 1.10 9.80 6.42
C LEU A 135 -0.03 9.27 5.55
N GLY A 136 -1.27 9.64 5.89
CA GLY A 136 -2.45 9.15 5.21
C GLY A 136 -2.57 9.96 3.94
N LEU A 137 -2.42 9.28 2.80
CA LEU A 137 -2.39 9.90 1.48
C LEU A 137 -3.74 9.94 0.77
N ALA A 138 -4.78 9.41 1.41
CA ALA A 138 -6.08 9.35 0.76
C ALA A 138 -6.91 10.66 0.93
N TYR A 139 -8.23 10.62 0.73
CA TYR A 139 -9.01 11.85 0.59
C TYR A 139 -9.70 12.22 1.89
N ALA A 140 -10.16 13.47 1.98
CA ALA A 140 -10.68 14.01 3.22
C ALA A 140 -11.92 13.30 3.73
N GLU A 141 -12.68 12.70 2.83
CA GLU A 141 -13.90 12.07 3.31
C GLU A 141 -13.59 11.03 4.39
N ILE A 142 -12.42 10.43 4.40
CA ILE A 142 -12.19 9.46 5.43
C ILE A 142 -11.27 9.94 6.56
N ALA A 143 -10.85 11.21 6.51
CA ALA A 143 -10.18 11.84 7.65
C ALA A 143 -11.07 11.76 8.91
N ARG A 144 -10.49 11.36 10.05
CA ARG A 144 -11.15 11.60 11.34
C ARG A 144 -10.50 12.85 11.95
N PRO A 145 -11.27 13.67 12.72
CA PRO A 145 -12.68 13.44 13.13
C PRO A 145 -13.68 13.71 12.03
N ASP A 146 -13.29 14.39 10.93
CA ASP A 146 -14.23 14.72 9.84
C ASP A 146 -13.54 15.30 8.63
N ASP A 147 -14.27 15.52 7.55
CA ASP A 147 -13.64 15.83 6.24
C ASP A 147 -13.15 17.23 6.10
N SER A 148 -13.53 18.10 7.02
CA SER A 148 -12.94 19.45 7.08
C SER A 148 -11.50 19.41 7.63
N LEU A 149 -11.08 18.32 8.23
CA LEU A 149 -9.66 18.19 8.60
C LEU A 149 -8.80 17.84 7.38
N GLU A 150 -8.28 18.88 6.77
CA GLU A 150 -7.55 18.79 5.52
C GLU A 150 -6.30 17.90 5.59
N PRO A 151 -6.25 16.81 4.80
CA PRO A 151 -5.18 15.81 4.67
C PRO A 151 -3.88 16.43 4.27
N PHE A 152 -2.76 15.80 4.58
CA PHE A 152 -1.47 16.42 4.28
C PHE A 152 -1.32 16.75 2.82
N PHE A 153 -1.70 15.81 1.94
CA PHE A 153 -1.43 16.04 0.51
C PHE A 153 -2.18 17.23 -0.02
N ASP A 154 -3.43 17.37 0.40
CA ASP A 154 -4.27 18.50 0.06
C ASP A 154 -3.58 19.81 0.38
N SER A 155 -3.00 19.89 1.59
CA SER A 155 -2.33 21.12 1.99
C SER A 155 -1.14 21.33 1.14
N LEU A 156 -0.41 20.26 0.85
CA LEU A 156 0.82 20.42 0.09
C LEU A 156 0.48 21.09 -1.27
N VAL A 157 -0.51 20.49 -1.89
CA VAL A 157 -1.01 20.98 -3.14
C VAL A 157 -1.60 22.37 -3.03
N LYS A 158 -2.38 22.68 -2.00
CA LYS A 158 -2.96 24.03 -1.93
C LYS A 158 -1.91 25.14 -1.75
N GLN A 159 -0.88 24.88 -0.92
CA GLN A 159 0.06 25.94 -0.48
C GLN A 159 1.34 26.11 -1.33
N THR A 160 1.64 25.16 -2.23
CA THR A 160 2.86 25.21 -3.06
C THR A 160 2.54 24.92 -4.51
N HIS A 161 3.54 24.92 -5.38
CA HIS A 161 3.31 24.62 -6.79
C HIS A 161 3.42 23.15 -7.15
N VAL A 162 3.36 22.26 -6.18
CA VAL A 162 3.41 20.85 -6.47
C VAL A 162 2.11 20.45 -7.16
N PRO A 163 2.22 19.71 -8.27
CA PRO A 163 1.03 19.21 -8.98
C PRO A 163 0.31 18.16 -8.15
N ASN A 164 -1.00 18.00 -8.36
CA ASN A 164 -1.84 17.15 -7.55
C ASN A 164 -1.79 15.69 -7.99
N LEU A 165 -0.62 15.09 -7.77
CA LEU A 165 -0.36 13.77 -8.26
C LEU A 165 0.87 13.25 -7.55
N PHE A 166 0.88 11.96 -7.21
CA PHE A 166 2.11 11.33 -6.74
C PHE A 166 2.16 9.86 -7.18
N SER A 167 3.34 9.27 -7.12
CA SER A 167 3.48 7.92 -7.60
C SER A 167 4.31 7.10 -6.64
N LEU A 168 4.08 5.78 -6.60
CA LEU A 168 4.77 4.91 -5.65
C LEU A 168 5.39 3.76 -6.36
N GLN A 169 6.67 3.56 -6.10
CA GLN A 169 7.31 2.35 -6.52
C GLN A 169 7.68 1.59 -5.29
N LEU A 170 6.86 0.63 -4.87
CA LEU A 170 7.24 -0.18 -3.73
C LEU A 170 8.11 -1.34 -4.21
N CYS A 171 9.30 -1.50 -3.61
CA CYS A 171 10.24 -2.52 -4.07
C CYS A 171 10.42 -3.60 -3.04
N GLY A 172 10.17 -4.86 -3.42
CA GLY A 172 10.45 -6.01 -2.53
C GLY A 172 11.88 -6.48 -2.70
N ALA A 173 12.50 -6.98 -1.64
CA ALA A 173 13.92 -7.40 -1.74
C ALA A 173 14.11 -8.68 -2.53
N GLY A 174 13.05 -9.51 -2.50
CA GLY A 174 13.18 -10.89 -2.95
C GLY A 174 13.42 -11.89 -1.82
N PHE A 175 13.89 -11.42 -0.68
CA PHE A 175 14.29 -12.29 0.45
C PHE A 175 14.00 -11.59 1.81
N PRO A 176 14.17 -12.31 2.94
CA PRO A 176 13.94 -11.69 4.25
C PRO A 176 14.88 -10.52 4.52
N LEU A 177 14.40 -9.51 5.25
CA LEU A 177 15.23 -8.38 5.68
C LEU A 177 15.21 -8.13 7.18
N ASN A 178 16.37 -8.36 7.81
CA ASN A 178 16.79 -7.66 9.02
C ASN A 178 16.28 -6.23 9.23
N GLN A 179 16.50 -5.74 10.44
CA GLN A 179 16.33 -4.32 10.67
C GLN A 179 17.52 -3.54 10.08
N SER A 180 18.75 -4.03 10.37
CA SER A 180 19.98 -3.47 9.82
C SER A 180 19.89 -3.36 8.32
N GLU A 181 19.46 -4.44 7.66
CA GLU A 181 19.36 -4.48 6.20
C GLU A 181 18.28 -3.61 5.58
N VAL A 182 17.12 -3.47 6.26
CA VAL A 182 16.04 -2.53 5.86
C VAL A 182 16.53 -1.07 5.82
N LEU A 183 17.32 -0.71 6.82
CA LEU A 183 17.87 0.64 7.00
C LEU A 183 18.83 0.97 5.87
N ALA A 184 19.72 0.02 5.56
CA ALA A 184 20.71 0.14 4.48
C ALA A 184 20.20 -0.13 3.01
N SER A 185 19.23 -1.01 2.83
CA SER A 185 18.66 -1.34 1.52
C SER A 185 17.82 -0.17 1.01
N VAL A 186 17.59 -0.07 -0.31
CA VAL A 186 16.58 0.87 -0.85
C VAL A 186 15.22 0.19 -0.95
N GLY A 187 14.22 0.80 -0.33
CA GLY A 187 12.89 0.20 -0.30
C GLY A 187 11.92 0.66 -1.36
N GLY A 188 12.31 1.64 -2.16
CA GLY A 188 11.47 2.15 -3.20
C GLY A 188 11.49 3.66 -3.28
N SER A 189 10.55 4.18 -4.08
CA SER A 189 10.48 5.58 -4.39
C SER A 189 9.07 6.10 -4.31
N MET A 190 8.95 7.30 -3.73
CA MET A 190 7.70 8.03 -3.74
C MET A 190 7.96 9.31 -4.47
N ILE A 191 7.42 9.44 -5.69
CA ILE A 191 7.64 10.62 -6.51
C ILE A 191 6.49 11.54 -6.28
N ILE A 192 6.78 12.75 -5.81
CA ILE A 192 5.75 13.71 -5.41
C ILE A 192 5.60 14.80 -6.45
N GLY A 193 4.39 14.93 -7.00
CA GLY A 193 4.09 15.92 -8.02
C GLY A 193 4.57 15.45 -9.37
N GLY A 194 4.88 14.16 -9.50
CA GLY A 194 5.44 13.69 -10.76
C GLY A 194 5.36 12.22 -11.09
N ILE A 195 5.84 11.92 -12.29
CA ILE A 195 6.12 10.57 -12.74
C ILE A 195 7.57 10.54 -13.22
N ASP A 196 8.33 9.59 -12.73
CA ASP A 196 9.70 9.40 -13.18
C ASP A 196 9.77 8.25 -14.20
N HIS A 197 10.30 8.52 -15.39
CA HIS A 197 10.16 7.61 -16.51
C HIS A 197 10.96 6.36 -16.32
N SER A 198 12.04 6.46 -15.55
CA SER A 198 12.97 5.33 -15.31
C SER A 198 12.50 4.23 -14.31
N LEU A 199 11.42 4.47 -13.60
CA LEU A 199 10.98 3.52 -12.59
C LEU A 199 10.06 2.44 -13.13
N TYR A 200 9.67 2.56 -14.39
CA TYR A 200 8.74 1.59 -14.97
C TYR A 200 9.09 1.25 -16.38
N THR A 201 8.64 0.08 -16.82
CA THR A 201 8.71 -0.29 -18.25
C THR A 201 7.34 -0.55 -18.81
N GLY A 202 7.24 -0.41 -20.12
CA GLY A 202 5.95 -0.54 -20.78
C GLY A 202 5.12 0.72 -20.62
N SER A 203 3.82 0.55 -20.53
CA SER A 203 2.92 1.69 -20.59
C SER A 203 2.02 1.90 -19.38
N LEU A 204 1.64 3.15 -19.13
CA LEU A 204 0.75 3.40 -18.04
C LEU A 204 -0.72 3.18 -18.41
N TRP A 205 -1.37 2.29 -17.68
CA TRP A 205 -2.76 2.03 -17.92
C TRP A 205 -3.51 2.57 -16.75
N TYR A 206 -4.41 3.52 -16.99
CA TYR A 206 -5.23 4.12 -15.92
C TYR A 206 -6.62 3.54 -15.72
N THR A 207 -6.99 3.44 -14.46
CA THR A 207 -8.33 3.09 -14.07
C THR A 207 -8.94 4.31 -13.37
N PRO A 208 -10.26 4.55 -13.53
CA PRO A 208 -10.91 5.71 -12.90
C PRO A 208 -11.02 5.50 -11.43
N ILE A 209 -10.99 6.60 -10.68
CA ILE A 209 -11.26 6.54 -9.24
C ILE A 209 -12.77 6.65 -9.08
N ARG A 210 -13.40 5.62 -8.54
CA ARG A 210 -14.85 5.63 -8.46
C ARG A 210 -15.37 6.79 -7.60
N ARG A 211 -14.68 7.11 -6.51
CA ARG A 211 -15.14 8.09 -5.55
C ARG A 211 -13.97 8.50 -4.73
N GLU A 212 -13.86 9.81 -4.47
CA GLU A 212 -12.75 10.33 -3.72
C GLU A 212 -13.00 10.16 -2.24
N TRP A 213 -12.57 9.00 -1.72
CA TRP A 213 -12.54 8.74 -0.30
C TRP A 213 -11.31 7.87 0.01
N TYR A 214 -11.43 6.52 0.02
CA TYR A 214 -10.24 5.69 -0.19
C TYR A 214 -9.94 5.90 -1.68
N TYR A 215 -8.82 5.38 -2.20
CA TYR A 215 -8.59 5.33 -3.62
C TYR A 215 -9.39 4.11 -4.14
N GLU A 216 -10.67 4.32 -4.44
CA GLU A 216 -11.55 3.23 -4.83
C GLU A 216 -11.59 2.95 -6.35
N VAL A 217 -11.38 1.68 -6.69
CA VAL A 217 -11.46 1.21 -8.06
C VAL A 217 -12.52 0.12 -8.24
N ILE A 218 -12.85 -0.17 -9.50
CA ILE A 218 -13.70 -1.32 -9.83
C ILE A 218 -12.93 -2.42 -10.58
N ILE A 219 -12.95 -3.61 -9.98
CA ILE A 219 -12.41 -4.81 -10.64
C ILE A 219 -13.52 -5.50 -11.44
N VAL A 220 -13.29 -5.66 -12.73
CA VAL A 220 -14.32 -6.22 -13.58
C VAL A 220 -14.19 -7.72 -13.81
N ARG A 221 -12.98 -8.28 -13.68
CA ARG A 221 -12.78 -9.69 -13.98
C ARG A 221 -11.58 -10.27 -13.25
N VAL A 222 -11.68 -11.53 -12.83
CA VAL A 222 -10.52 -12.15 -12.17
C VAL A 222 -10.09 -13.50 -12.73
N GLU A 223 -8.82 -13.59 -13.11
CA GLU A 223 -8.31 -14.82 -13.69
C GLU A 223 -7.11 -15.41 -12.95
N ILE A 224 -7.16 -16.72 -12.79
CA ILE A 224 -6.08 -17.49 -12.25
C ILE A 224 -5.60 -18.36 -13.39
N ASN A 225 -4.37 -18.09 -13.82
CA ASN A 225 -3.79 -18.72 -15.01
C ASN A 225 -4.59 -18.53 -16.30
N GLY A 226 -5.37 -17.45 -16.40
CA GLY A 226 -6.24 -17.23 -17.53
C GLY A 226 -7.61 -17.84 -17.36
N GLN A 227 -7.81 -18.68 -16.34
CA GLN A 227 -9.15 -19.25 -16.12
C GLN A 227 -10.07 -18.34 -15.26
N ASP A 228 -11.02 -17.68 -15.92
CA ASP A 228 -11.98 -16.82 -15.23
C ASP A 228 -12.53 -17.51 -13.98
N LEU A 229 -12.63 -16.79 -12.87
CA LEU A 229 -13.32 -17.34 -11.70
C LEU A 229 -14.84 -17.40 -11.86
N LYS A 230 -15.35 -16.92 -12.99
CA LYS A 230 -16.80 -16.91 -13.25
C LYS A 230 -17.64 -16.51 -12.05
N MET A 231 -17.52 -15.26 -11.62
CA MET A 231 -18.39 -14.72 -10.60
C MET A 231 -19.08 -13.44 -11.09
N ASP A 232 -20.26 -13.18 -10.55
CA ASP A 232 -20.91 -11.90 -10.78
C ASP A 232 -19.88 -10.89 -10.25
N CYS A 233 -19.32 -10.11 -11.17
CA CYS A 233 -18.20 -9.23 -10.84
C CYS A 233 -18.49 -8.28 -9.64
N LYS A 234 -19.76 -7.94 -9.41
CA LYS A 234 -20.19 -7.28 -8.18
C LYS A 234 -19.57 -7.90 -6.90
N GLU A 235 -19.21 -9.18 -6.99
CA GLU A 235 -18.67 -9.93 -5.87
C GLU A 235 -17.26 -9.52 -5.51
N TYR A 236 -16.53 -9.07 -6.53
CA TYR A 236 -15.14 -8.61 -6.41
C TYR A 236 -15.02 -7.20 -5.79
N ASN A 237 -16.09 -6.41 -5.80
CA ASN A 237 -16.04 -5.07 -5.23
C ASN A 237 -17.05 -4.90 -4.12
N TYR A 238 -17.28 -6.01 -3.41
CA TYR A 238 -18.20 -6.07 -2.29
C TYR A 238 -17.49 -5.85 -0.94
N ASP A 239 -17.60 -4.65 -0.34
CA ASP A 239 -18.39 -3.51 -0.84
C ASP A 239 -17.58 -2.31 -1.34
N LYS A 240 -16.29 -2.53 -1.58
CA LYS A 240 -15.44 -1.58 -2.29
C LYS A 240 -14.16 -2.30 -2.66
N SER A 241 -13.39 -1.70 -3.55
CA SER A 241 -12.05 -2.20 -3.85
C SER A 241 -11.15 -1.03 -3.82
N ILE A 242 -10.08 -1.15 -3.07
CA ILE A 242 -9.20 -0.03 -2.83
C ILE A 242 -7.74 -0.42 -2.99
N VAL A 243 -6.92 0.57 -3.31
CA VAL A 243 -5.49 0.42 -3.37
C VAL A 243 -4.90 0.97 -2.08
N ASP A 244 -4.13 0.16 -1.36
CA ASP A 244 -3.62 0.61 -0.07
C ASP A 244 -2.17 0.16 0.25
N SER A 245 -1.25 1.11 0.28
CA SER A 245 0.18 0.84 0.50
C SER A 245 0.48 0.43 1.94
N GLY A 246 -0.49 0.57 2.82
CA GLY A 246 -0.28 0.27 4.21
C GLY A 246 -1.05 -0.98 4.54
N THR A 247 -1.38 -1.77 3.53
CA THR A 247 -1.87 -3.14 3.77
C THR A 247 -0.88 -4.12 3.20
N THR A 248 -0.49 -5.08 4.03
CA THR A 248 0.48 -6.03 3.55
C THR A 248 -0.01 -6.93 2.39
N ASN A 249 -1.04 -7.73 2.64
CA ASN A 249 -1.53 -8.69 1.66
C ASN A 249 -2.41 -8.03 0.62
N LEU A 250 -2.69 -8.80 -0.43
CA LEU A 250 -3.90 -8.64 -1.19
C LEU A 250 -5.03 -9.29 -0.37
N ARG A 251 -5.98 -8.48 0.09
CA ARG A 251 -7.09 -9.03 0.89
C ARG A 251 -8.34 -9.15 0.01
N LEU A 252 -9.10 -10.23 0.20
CA LEU A 252 -10.26 -10.53 -0.66
C LEU A 252 -11.54 -10.94 0.10
N PRO A 253 -12.71 -10.51 -0.42
CA PRO A 253 -13.98 -10.78 0.28
C PRO A 253 -14.32 -12.27 0.32
N LYS A 254 -14.89 -12.72 1.43
CA LYS A 254 -15.01 -14.14 1.75
C LYS A 254 -15.32 -15.08 0.55
N LYS A 255 -16.36 -14.76 -0.21
CA LYS A 255 -16.82 -15.64 -1.28
C LYS A 255 -15.68 -15.81 -2.26
N VAL A 256 -15.05 -14.70 -2.60
CA VAL A 256 -13.96 -14.67 -3.57
C VAL A 256 -12.71 -15.36 -3.05
N PHE A 257 -12.42 -15.17 -1.77
CA PHE A 257 -11.25 -15.74 -1.15
C PHE A 257 -11.29 -17.25 -1.38
N GLU A 258 -12.34 -17.89 -0.88
CA GLU A 258 -12.44 -19.34 -0.96
C GLU A 258 -12.32 -19.81 -2.41
N ALA A 259 -13.03 -19.13 -3.30
CA ALA A 259 -13.00 -19.46 -4.73
C ALA A 259 -11.60 -19.41 -5.29
N ALA A 260 -10.90 -18.32 -5.02
CA ALA A 260 -9.52 -18.13 -5.46
C ALA A 260 -8.54 -19.19 -4.93
N VAL A 261 -8.55 -19.36 -3.62
CA VAL A 261 -7.73 -20.36 -2.98
C VAL A 261 -7.94 -21.73 -3.63
N LYS A 262 -9.21 -22.14 -3.76
CA LYS A 262 -9.57 -23.41 -4.40
C LYS A 262 -8.79 -23.60 -5.70
N SER A 263 -8.79 -22.52 -6.48
CA SER A 263 -8.22 -22.53 -7.81
C SER A 263 -6.70 -22.74 -7.75
N ILE A 264 -6.06 -21.95 -6.92
CA ILE A 264 -4.63 -22.08 -6.72
C ILE A 264 -4.28 -23.49 -6.21
N LYS A 265 -5.04 -24.02 -5.25
CA LYS A 265 -4.76 -25.36 -4.73
C LYS A 265 -4.74 -26.30 -5.91
N ALA A 266 -5.79 -26.21 -6.72
CA ALA A 266 -5.89 -26.98 -7.95
C ALA A 266 -4.64 -26.78 -8.82
N ALA A 267 -4.23 -25.55 -9.09
CA ALA A 267 -3.09 -25.30 -10.01
C ALA A 267 -1.74 -25.86 -9.56
N SER A 268 -1.58 -26.08 -8.25
CA SER A 268 -0.33 -26.54 -7.67
C SER A 268 -0.60 -27.71 -6.74
N SER A 269 -1.73 -28.38 -6.98
CA SER A 269 -2.12 -29.55 -6.20
C SER A 269 -1.31 -30.76 -6.68
N THR A 270 -0.09 -30.49 -7.12
CA THR A 270 0.97 -31.51 -7.12
C THR A 270 1.59 -31.49 -5.72
N GLU A 271 1.15 -30.53 -4.92
CA GLU A 271 1.41 -30.54 -3.51
C GLU A 271 0.20 -29.98 -2.73
N LYS A 272 -0.34 -30.84 -1.86
CA LYS A 272 -1.31 -30.49 -0.81
C LYS A 272 -0.50 -29.83 0.33
N PHE A 273 -1.08 -28.83 0.99
CA PHE A 273 -0.38 -28.03 2.01
C PHE A 273 -1.09 -27.99 3.37
N PRO A 274 -0.32 -27.77 4.47
CA PRO A 274 -0.99 -27.53 5.77
C PRO A 274 -2.25 -26.61 5.65
N ASP A 275 -3.38 -26.97 6.26
CA ASP A 275 -4.58 -26.10 6.14
C ASP A 275 -4.36 -24.69 6.71
N GLY A 276 -3.53 -24.60 7.74
CA GLY A 276 -3.17 -23.33 8.37
C GLY A 276 -2.26 -22.47 7.51
N PHE A 277 -1.73 -23.05 6.43
CA PHE A 277 -0.91 -22.31 5.48
C PHE A 277 -1.72 -21.25 4.74
N TRP A 278 -2.82 -21.68 4.13
CA TRP A 278 -3.69 -20.80 3.38
C TRP A 278 -4.32 -19.73 4.25
N LEU A 279 -4.66 -20.10 5.48
CA LEU A 279 -5.16 -19.12 6.43
C LEU A 279 -4.01 -18.24 6.97
N GLY A 280 -2.88 -18.25 6.27
CA GLY A 280 -1.70 -17.44 6.58
C GLY A 280 -0.99 -17.73 7.90
N GLU A 281 -1.33 -18.84 8.55
CA GLU A 281 -0.81 -19.12 9.89
C GLU A 281 0.48 -19.94 9.87
N GLN A 282 0.87 -20.44 8.71
CA GLN A 282 2.07 -21.25 8.67
C GLN A 282 2.96 -20.93 7.52
N LEU A 283 4.23 -21.22 7.71
CA LEU A 283 5.22 -21.01 6.67
C LEU A 283 5.20 -22.16 5.69
N VAL A 284 5.96 -22.00 4.63
CA VAL A 284 6.36 -23.13 3.85
C VAL A 284 7.83 -22.94 3.54
N CYS A 285 8.57 -24.05 3.53
CA CYS A 285 10.00 -24.00 3.27
C CYS A 285 10.42 -24.93 2.16
N TRP A 286 11.39 -24.44 1.41
CA TRP A 286 12.10 -25.21 0.39
C TRP A 286 13.56 -24.91 0.62
N GLN A 287 14.42 -25.79 0.11
CA GLN A 287 15.84 -25.59 0.19
C GLN A 287 16.26 -24.38 -0.62
N ALA A 288 17.33 -23.72 -0.18
CA ALA A 288 17.89 -22.53 -0.84
C ALA A 288 18.00 -22.67 -2.37
N GLY A 289 17.44 -21.71 -3.08
CA GLY A 289 17.45 -21.76 -4.53
C GLY A 289 16.42 -22.67 -5.16
N THR A 290 15.96 -23.69 -4.44
CA THR A 290 15.01 -24.67 -5.01
C THR A 290 13.50 -24.36 -4.85
N THR A 291 13.12 -23.08 -4.88
CA THR A 291 11.71 -22.74 -4.76
C THR A 291 11.01 -22.94 -6.09
N PRO A 292 9.98 -23.80 -6.12
CA PRO A 292 9.24 -24.19 -7.33
C PRO A 292 8.27 -23.11 -7.77
N TRP A 293 8.78 -22.09 -8.43
CA TRP A 293 7.91 -21.00 -8.87
C TRP A 293 6.90 -21.48 -9.91
N ASN A 294 7.43 -21.97 -11.04
CA ASN A 294 6.67 -22.51 -12.18
C ASN A 294 5.39 -23.31 -11.83
N ILE A 295 5.36 -23.97 -10.67
CA ILE A 295 4.17 -24.74 -10.25
C ILE A 295 3.02 -23.87 -9.73
N PHE A 296 3.33 -22.60 -9.47
CA PHE A 296 2.35 -21.68 -8.93
C PHE A 296 1.71 -20.78 -9.98
N PRO A 297 0.38 -20.61 -9.88
CA PRO A 297 -0.39 -19.81 -10.82
C PRO A 297 -0.05 -18.33 -10.79
N VAL A 298 -0.39 -17.64 -11.88
CA VAL A 298 -0.39 -16.18 -11.90
C VAL A 298 -1.82 -15.67 -11.69
N ILE A 299 -1.96 -14.49 -11.09
CA ILE A 299 -3.28 -13.91 -10.95
C ILE A 299 -3.44 -12.66 -11.78
N SER A 300 -4.61 -12.53 -12.38
CA SER A 300 -4.87 -11.40 -13.18
C SER A 300 -6.07 -10.68 -12.67
N LEU A 301 -5.88 -9.37 -12.53
CA LEU A 301 -6.97 -8.47 -12.22
C LEU A 301 -7.23 -7.54 -13.40
N TYR A 302 -8.48 -7.57 -13.88
CA TYR A 302 -8.86 -6.70 -14.97
C TYR A 302 -9.53 -5.53 -14.31
N LEU A 303 -9.14 -4.32 -14.73
CA LEU A 303 -9.59 -3.12 -14.04
C LEU A 303 -10.30 -2.23 -15.03
N MET A 304 -11.40 -1.61 -14.57
CA MET A 304 -12.17 -0.73 -15.43
C MET A 304 -11.24 0.31 -16.05
N GLY A 305 -11.33 0.52 -17.35
CA GLY A 305 -10.41 1.45 -18.01
C GLY A 305 -11.04 2.81 -18.18
N GLU A 306 -10.45 3.60 -19.06
CA GLU A 306 -10.83 5.01 -19.19
C GLU A 306 -12.08 5.25 -20.02
N VAL A 307 -12.15 4.61 -21.18
CA VAL A 307 -13.27 4.67 -22.09
C VAL A 307 -14.36 3.62 -21.78
N THR A 308 -15.57 3.86 -22.30
CA THR A 308 -16.72 2.95 -22.14
C THR A 308 -16.33 1.61 -22.71
N ASN A 309 -16.75 0.54 -22.04
CA ASN A 309 -16.52 -0.81 -22.52
C ASN A 309 -15.05 -1.25 -22.58
N GLN A 310 -14.12 -0.38 -22.17
CA GLN A 310 -12.68 -0.65 -22.21
C GLN A 310 -12.12 -0.89 -20.83
N SER A 311 -11.28 -1.92 -20.71
CA SER A 311 -10.61 -2.26 -19.46
C SER A 311 -9.18 -2.69 -19.78
N PHE A 312 -8.36 -2.93 -18.77
CA PHE A 312 -7.02 -3.49 -18.97
C PHE A 312 -6.73 -4.43 -17.83
N ARG A 313 -5.63 -5.17 -17.92
CA ARG A 313 -5.31 -6.10 -16.84
C ARG A 313 -3.92 -6.00 -16.30
N ILE A 314 -3.79 -6.45 -15.07
CA ILE A 314 -2.50 -6.52 -14.40
C ILE A 314 -2.35 -7.93 -13.87
N THR A 315 -1.11 -8.41 -13.89
CA THR A 315 -0.81 -9.77 -13.60
C THR A 315 0.31 -9.86 -12.61
N ILE A 316 0.05 -10.53 -11.49
CA ILE A 316 1.10 -10.81 -10.50
C ILE A 316 1.62 -12.26 -10.45
N LEU A 317 2.91 -12.41 -10.17
CA LEU A 317 3.53 -13.72 -10.06
C LEU A 317 3.42 -14.31 -8.64
N PRO A 318 3.69 -15.61 -8.47
CA PRO A 318 3.75 -16.09 -7.10
C PRO A 318 4.78 -15.33 -6.25
N GLN A 319 5.85 -14.83 -6.89
CA GLN A 319 6.83 -14.01 -6.19
C GLN A 319 6.17 -12.84 -5.47
N GLN A 320 5.05 -12.37 -5.99
CA GLN A 320 4.33 -11.30 -5.35
C GLN A 320 3.54 -11.85 -4.16
N TYR A 321 2.58 -12.76 -4.34
CA TYR A 321 1.72 -13.27 -3.21
C TYR A 321 2.27 -14.33 -2.26
N LEU A 322 3.53 -14.71 -2.38
CA LEU A 322 4.20 -15.46 -1.31
C LEU A 322 5.27 -14.59 -0.68
N ARG A 323 5.02 -14.06 0.53
CA ARG A 323 5.99 -13.19 1.23
C ARG A 323 7.19 -13.98 1.73
N PRO A 324 8.41 -13.52 1.40
CA PRO A 324 9.60 -14.14 1.98
C PRO A 324 9.67 -13.83 3.47
N VAL A 325 9.99 -14.81 4.30
CA VAL A 325 10.16 -14.59 5.72
C VAL A 325 11.38 -15.34 6.24
N GLU A 326 12.01 -14.77 7.26
CA GLU A 326 13.20 -15.38 7.87
C GLU A 326 12.80 -16.57 8.73
N ASP A 327 13.29 -17.74 8.36
CA ASP A 327 13.19 -18.86 9.25
C ASP A 327 14.31 -18.77 10.28
N VAL A 328 13.90 -18.50 11.52
CA VAL A 328 14.82 -18.47 12.66
C VAL A 328 15.60 -19.81 12.76
N ALA A 329 14.87 -20.94 12.72
CA ALA A 329 15.43 -22.30 12.52
C ALA A 329 15.91 -22.49 11.07
N THR A 330 16.82 -23.45 10.87
CA THR A 330 17.50 -23.68 9.56
C THR A 330 18.20 -22.43 8.93
N SER A 331 17.45 -21.34 8.74
CA SER A 331 17.92 -20.02 8.21
C SER A 331 18.70 -20.04 6.87
N GLN A 332 19.41 -21.14 6.60
CA GLN A 332 19.99 -21.39 5.28
C GLN A 332 18.91 -21.87 4.29
N ASP A 333 17.63 -21.78 4.69
CA ASP A 333 16.52 -22.15 3.81
C ASP A 333 15.82 -20.97 3.19
N ASP A 334 14.78 -21.22 2.41
CA ASP A 334 13.95 -20.17 1.80
C ASP A 334 12.49 -20.33 2.21
N CYS A 335 11.99 -19.49 3.13
CA CYS A 335 10.62 -19.64 3.63
C CYS A 335 9.67 -18.49 3.31
N TYR A 336 8.38 -18.85 3.19
CA TYR A 336 7.34 -17.91 2.77
C TYR A 336 6.09 -18.10 3.58
N LYS A 337 5.36 -16.99 3.72
CA LYS A 337 4.04 -16.94 4.34
C LYS A 337 3.15 -16.60 3.16
N PHE A 338 1.91 -17.08 3.19
CA PHE A 338 0.97 -16.87 2.05
C PHE A 338 0.35 -15.51 2.20
N ALA A 339 0.53 -14.66 1.21
CA ALA A 339 0.13 -13.27 1.42
C ALA A 339 -1.19 -12.86 0.72
N ILE A 340 -2.19 -13.75 0.75
CA ILE A 340 -3.53 -13.44 0.24
C ILE A 340 -4.48 -13.83 1.31
N SER A 341 -5.30 -12.89 1.76
CA SER A 341 -6.13 -13.21 2.89
C SER A 341 -7.58 -12.82 2.69
N GLN A 342 -8.41 -13.34 3.57
CA GLN A 342 -9.81 -13.03 3.57
C GLN A 342 -10.07 -11.62 4.09
N SER A 343 -11.25 -11.13 3.77
CA SER A 343 -11.66 -9.78 4.11
C SER A 343 -13.18 -9.72 4.25
N SER A 344 -13.65 -8.92 5.20
CA SER A 344 -15.08 -8.73 5.34
C SER A 344 -15.47 -7.27 5.06
N THR A 345 -14.75 -6.64 4.14
CA THR A 345 -14.89 -5.20 3.87
C THR A 345 -14.34 -4.82 2.49
N GLY A 346 -14.48 -5.72 1.54
CA GLY A 346 -14.10 -5.42 0.18
C GLY A 346 -12.69 -5.86 -0.06
N THR A 347 -12.26 -5.68 -1.31
CA THR A 347 -10.95 -6.06 -1.77
C THR A 347 -9.97 -5.01 -1.36
N VAL A 348 -8.77 -5.45 -1.00
CA VAL A 348 -7.67 -4.52 -0.85
C VAL A 348 -6.42 -4.92 -1.63
N MET A 349 -6.08 -4.10 -2.60
CA MET A 349 -4.82 -4.29 -3.28
C MET A 349 -3.71 -3.72 -2.42
N GLY A 350 -3.15 -4.60 -1.56
CA GLY A 350 -2.07 -4.26 -0.66
C GLY A 350 -0.73 -4.15 -1.38
N ALA A 351 0.34 -4.20 -0.58
CA ALA A 351 1.72 -3.91 -1.07
C ALA A 351 2.29 -5.05 -1.89
N VAL A 352 2.00 -6.25 -1.45
CA VAL A 352 2.28 -7.44 -2.20
C VAL A 352 1.87 -7.30 -3.68
N ILE A 353 0.68 -6.76 -3.98
CA ILE A 353 0.35 -6.37 -5.36
C ILE A 353 1.23 -5.27 -5.93
N MET A 354 1.32 -4.17 -5.18
CA MET A 354 1.99 -3.00 -5.68
C MET A 354 3.48 -3.19 -5.96
N GLU A 355 4.17 -4.06 -5.23
CA GLU A 355 5.61 -4.23 -5.46
C GLU A 355 5.88 -4.81 -6.84
N GLY A 356 4.82 -5.10 -7.59
CA GLY A 356 4.97 -5.44 -9.00
C GLY A 356 5.01 -4.20 -9.90
N PHE A 357 4.47 -3.07 -9.42
CA PHE A 357 4.10 -1.98 -10.31
C PHE A 357 4.55 -0.61 -9.92
N TYR A 358 4.82 0.24 -10.89
CA TYR A 358 4.88 1.67 -10.61
C TYR A 358 3.42 2.17 -10.54
N VAL A 359 2.95 2.60 -9.38
CA VAL A 359 1.57 3.08 -9.30
C VAL A 359 1.39 4.61 -9.20
N VAL A 360 0.47 5.15 -9.99
CA VAL A 360 0.39 6.59 -10.17
C VAL A 360 -0.95 7.10 -9.68
N PHE A 361 -0.92 7.95 -8.67
CA PHE A 361 -2.17 8.39 -8.08
C PHE A 361 -2.41 9.74 -8.65
N ASP A 362 -3.13 9.76 -9.77
CA ASP A 362 -3.38 10.98 -10.54
C ASP A 362 -4.63 11.66 -10.06
N ARG A 363 -4.52 12.19 -8.85
CA ARG A 363 -5.61 12.85 -8.16
C ARG A 363 -6.24 13.92 -9.02
N ALA A 364 -5.42 14.57 -9.85
CA ALA A 364 -5.86 15.73 -10.57
C ALA A 364 -6.82 15.33 -11.65
N ARG A 365 -6.69 14.12 -12.21
CA ARG A 365 -7.64 13.64 -13.22
C ARG A 365 -8.36 12.39 -12.70
N LYS A 366 -8.58 12.30 -11.40
CA LYS A 366 -9.37 11.22 -10.83
C LYS A 366 -9.03 9.87 -11.40
N ARG A 367 -7.76 9.53 -11.53
CA ARG A 367 -7.44 8.19 -12.02
C ARG A 367 -6.14 7.62 -11.42
N ILE A 368 -6.03 6.27 -11.41
CA ILE A 368 -4.86 5.58 -10.92
CA ILE A 368 -4.86 5.57 -10.92
C ILE A 368 -4.15 4.84 -12.06
N GLY A 369 -2.86 5.11 -12.25
CA GLY A 369 -2.12 4.45 -13.32
C GLY A 369 -1.33 3.24 -12.85
N PHE A 370 -1.16 2.26 -13.71
CA PHE A 370 -0.29 1.14 -13.41
C PHE A 370 0.65 0.90 -14.55
N ALA A 371 1.86 0.47 -14.20
CA ALA A 371 2.89 0.14 -15.16
C ALA A 371 3.78 -0.89 -14.53
N VAL A 372 4.59 -1.56 -15.33
CA VAL A 372 5.46 -2.59 -14.77
C VAL A 372 6.66 -1.95 -14.07
N SER A 373 6.81 -2.28 -12.78
CA SER A 373 7.91 -1.78 -11.97
C SER A 373 9.25 -2.20 -12.51
N ALA A 374 10.08 -1.24 -12.88
CA ALA A 374 11.48 -1.52 -13.23
C ALA A 374 12.21 -2.35 -12.15
N CYS A 375 11.74 -2.33 -10.91
CA CYS A 375 12.42 -2.99 -9.79
C CYS A 375 11.69 -4.26 -9.35
N HIS A 376 10.87 -4.87 -10.20
CA HIS A 376 10.05 -5.96 -9.68
C HIS A 376 10.74 -7.33 -9.66
N VAL A 377 10.26 -8.20 -8.78
CA VAL A 377 10.91 -9.48 -8.42
C VAL A 377 10.43 -10.55 -9.41
N HIS A 378 11.34 -11.12 -10.21
CA HIS A 378 10.93 -12.09 -11.26
C HIS A 378 11.91 -13.23 -11.56
N ASP A 379 11.35 -14.33 -12.07
CA ASP A 379 12.14 -15.48 -12.58
C ASP A 379 12.51 -15.30 -14.06
N GLU A 380 13.43 -16.15 -14.53
CA GLU A 380 13.88 -16.19 -15.94
C GLU A 380 12.80 -16.72 -16.91
N PHE A 381 11.65 -17.13 -16.39
CA PHE A 381 10.53 -17.61 -17.22
C PHE A 381 9.48 -16.52 -17.34
N ARG A 382 8.50 -16.50 -16.43
CA ARG A 382 7.49 -15.42 -16.43
C ARG A 382 7.99 -14.05 -15.95
N THR A 383 7.09 -13.07 -16.05
CA THR A 383 7.29 -11.70 -15.53
C THR A 383 5.91 -11.03 -15.37
N ALA A 384 5.76 -10.09 -14.43
CA ALA A 384 4.47 -9.40 -14.21
C ALA A 384 4.09 -8.53 -15.40
N ALA A 385 2.80 -8.22 -15.59
CA ALA A 385 2.43 -7.35 -16.74
C ALA A 385 1.20 -6.46 -16.60
N VAL A 386 1.21 -5.39 -17.41
CA VAL A 386 0.09 -4.47 -17.45
C VAL A 386 -0.33 -4.41 -18.92
N GLU A 387 -1.35 -5.19 -19.27
CA GLU A 387 -1.74 -5.36 -20.66
C GLU A 387 -3.11 -4.79 -20.94
N GLY A 388 -3.26 -4.31 -22.17
CA GLY A 388 -4.56 -3.85 -22.64
C GLY A 388 -4.55 -3.45 -24.11
N PRO A 389 -5.72 -3.11 -24.65
CA PRO A 389 -7.00 -2.93 -23.98
C PRO A 389 -7.86 -4.15 -24.12
N PHE A 390 -8.78 -4.36 -23.19
CA PHE A 390 -9.72 -5.46 -23.28
C PHE A 390 -11.10 -4.89 -23.42
N VAL A 391 -12.06 -5.70 -23.89
CA VAL A 391 -13.43 -5.22 -24.09
C VAL A 391 -14.40 -5.89 -23.14
N THR A 392 -14.78 -5.19 -22.09
CA THR A 392 -15.78 -5.72 -21.17
C THR A 392 -16.98 -4.80 -21.10
N LEU A 393 -18.15 -5.36 -20.79
CA LEU A 393 -19.44 -4.70 -21.01
C LEU A 393 -20.18 -4.41 -19.72
N ASP A 394 -20.85 -3.27 -19.65
CA ASP A 394 -21.66 -2.98 -18.48
C ASP A 394 -20.78 -3.11 -17.24
N MET A 395 -19.65 -2.40 -17.26
CA MET A 395 -18.73 -2.47 -16.15
C MET A 395 -19.31 -1.82 -14.90
N GLU A 396 -19.92 -0.65 -15.07
CA GLU A 396 -20.63 0.05 -13.99
C GLU A 396 -21.39 -0.92 -13.07
N ASP A 397 -21.99 -1.96 -13.65
CA ASP A 397 -22.73 -2.93 -12.86
C ASP A 397 -21.91 -3.72 -11.87
N CYS A 398 -20.58 -3.71 -12.01
CA CYS A 398 -19.70 -4.43 -11.07
C CYS A 398 -19.55 -3.64 -9.79
N GLY A 399 -19.68 -2.33 -9.92
CA GLY A 399 -19.70 -1.50 -8.76
C GLY A 399 -20.82 -1.95 -7.84
N TYR A 400 -20.51 -2.03 -6.57
CA TYR A 400 -21.49 -2.31 -5.53
C TYR A 400 -22.06 -1.01 -4.94
N ASN A 401 -23.35 -0.99 -4.58
CA ASN A 401 -24.00 0.22 -4.06
C ASN A 401 -24.76 0.07 -2.74
N ILE A 402 -24.48 0.98 -1.80
CA ILE A 402 -25.20 1.04 -0.49
C ILE A 402 -26.30 2.09 -0.56
N GLU B 1 2.62 -8.06 9.54
CA GLU B 1 1.48 -7.58 8.73
C GLU B 1 1.09 -6.15 9.06
N VAL B 2 0.88 -5.32 8.04
CA VAL B 2 0.14 -4.05 8.23
C VAL B 2 -1.25 -4.05 7.59
N ASN B 3 -2.19 -3.36 8.26
CA ASN B 3 -3.54 -3.18 7.76
C ASN B 3 -4.11 -1.84 8.23
N STA B 4 -3.87 -0.81 7.53
CA STA B 4 -4.04 0.62 7.74
CB STA B 4 -2.69 1.24 8.07
CG STA B 4 -1.98 0.57 9.25
CD1 STA B 4 -0.50 0.86 9.15
CD2 STA B 4 -2.52 1.03 10.59
CH STA B 4 -4.63 1.34 6.54
OH STA B 4 -3.80 1.09 5.41
CM STA B 4 -6.06 0.92 6.19
C STA B 4 -6.98 1.50 7.22
O STA B 4 -7.33 0.74 8.15
N VAL B 5 -7.41 2.69 7.32
CA VAL B 5 -8.40 3.16 8.34
C VAL B 5 -9.77 2.48 8.16
N ALA B 6 -10.39 2.14 9.29
CA ALA B 6 -11.66 1.45 9.31
C ALA B 6 -12.84 2.35 9.01
N GLU B 7 -13.92 1.78 8.45
CA GLU B 7 -15.21 2.50 8.35
C GLU B 7 -15.89 2.51 9.71
N DPR B 8 -16.42 3.50 10.33
CA DPR B 8 -17.16 3.48 11.60
CB DPR B 8 -17.80 4.85 11.74
CG DPR B 8 -17.22 5.70 10.60
CD DPR B 8 -16.62 4.73 9.59
C DPR B 8 -16.35 3.11 12.82
O DPR B 8 -15.56 3.95 13.31
N LYS B 9 -15.90 2.02 13.29
CA LYS B 9 -15.44 1.46 14.60
C LYS B 9 -15.83 2.34 15.76
CL CL C . 3.13 30.06 9.00
#